data_6I3U
#
_entry.id   6I3U
#
_cell.length_a   84.170
_cell.length_b   167.170
_cell.length_c   61.500
_cell.angle_alpha   90.00
_cell.angle_beta   90.00
_cell.angle_gamma   90.00
#
_symmetry.space_group_name_H-M   'P 21 21 2'
#
loop_
_entity.id
_entity.type
_entity.pdbx_description
1 polymer 'Phosphatidylinositol 3-kinase catalytic subunit type 3'
2 non-polymer 2-morpholin-4-yl-6-[7-[(2~{R})-1-morpholin-4-ylpropan-2-yl]oxy-9~{H}-thioxanthen-4-yl]pyran-4-one
3 water water
#
_entity_poly.entity_id   1
_entity_poly.type   'polypeptide(L)'
_entity_poly.pdbx_seq_one_letter_code
;SMSKHHKLARSLRSGPSDHDLKPNAATRDQLNIIVSYPPTKQLTYEEQDLVWKFRYYLTNQEKALTKFLKCVNWDLPQEA
KQALELLGKWKPMDVEDSLELLSSHYTNPTVRRYAVARLRQADDEDLLMYLLQLVQALKYENFDDIKNGLEPTKKDSQSS
VSENVSNSGINSAEIDSSQIITSPLPSVSSPPPASKTKEVPDGENLEQDLCTFLISRACKNSTLANYLYWYVIVECEDQD
TQQRDPKTHEMYLNVMRRFSQALLKGDKSVRVMRSLLAAQQTFVDRLVHLMKAVQRESGNRKKKNERLQALLGDNEKMNL
SDVELIPLPLEPQVKIRGIIPETATLAKSANMPAQLFFKTEDGGKYPVLFKHGDDLRQDQLILQIISLMDKLLRKENLDL
KLTPYKVLATSTKHGFLQWIQGSVPVAEVLDTEGSIQNFFRKYAPSENGPNGISAEVMDTYVKSCAGYCVITYILGVGDR
HLDNLLLTKTGKLFHIDFGYILGRDPKPLPPPMKLNKEMVEGMGGTQSEQYQEFRKQCYTAFLHLRRYSNLILNLFSLMV
DANIPDIALEPDKTVKKVQDKFRLDLSDEEAVHYMQSLIDESVHALFAAVVEQIH
;
_entity_poly.pdbx_strand_id   A
#
loop_
_chem_comp.id
_chem_comp.type
_chem_comp.name
_chem_comp.formula
H2E non-polymer 2-morpholin-4-yl-6-[7-[(2~{R})-1-morpholin-4-ylpropan-2-yl]oxy-9~{H}-thioxanthen-4-yl]pyran-4-one 'C29 H32 N2 O5 S'
#
# COMPACT_ATOMS: atom_id res chain seq x y z
N LYS A 7 33.22 -0.57 24.31
CA LYS A 7 34.30 -0.20 23.33
C LYS A 7 34.95 -1.49 22.78
N LEU A 8 35.04 -2.56 23.59
CA LEU A 8 35.58 -3.87 23.14
C LEU A 8 34.50 -4.62 22.37
N ALA A 9 34.83 -5.14 21.18
CA ALA A 9 33.86 -5.79 20.26
C ALA A 9 33.11 -6.91 20.99
N ARG A 10 31.82 -7.10 20.69
CA ARG A 10 30.96 -8.12 21.33
C ARG A 10 31.57 -9.52 21.15
N SER A 11 32.12 -9.81 19.96
CA SER A 11 32.72 -11.11 19.62
C SER A 11 33.99 -11.36 20.48
N LEU A 12 34.65 -10.30 20.94
CA LEU A 12 35.85 -10.41 21.80
C LEU A 12 35.41 -10.67 23.25
N ARG A 13 34.24 -10.16 23.67
CA ARG A 13 33.70 -10.38 25.04
C ARG A 13 32.93 -11.70 25.11
N SER A 14 32.75 -12.40 24.00
CA SER A 14 32.04 -13.71 23.93
C SER A 14 32.24 -14.30 22.53
N GLY A 15 33.12 -15.29 22.40
CA GLY A 15 33.40 -15.99 21.13
C GLY A 15 32.65 -17.31 21.04
N PRO A 16 32.90 -18.15 19.99
CA PRO A 16 32.10 -19.35 19.75
C PRO A 16 32.12 -20.40 20.87
N SER A 17 33.05 -20.28 21.84
CA SER A 17 33.26 -21.20 22.99
C SER A 17 31.96 -21.45 23.79
N ASP A 18 31.10 -20.43 23.93
CA ASP A 18 29.82 -20.51 24.70
C ASP A 18 28.63 -20.69 23.74
N HIS A 19 28.75 -21.57 22.76
CA HIS A 19 27.64 -22.12 21.95
C HIS A 19 26.61 -22.81 22.85
N ASP A 20 26.98 -23.15 24.09
CA ASP A 20 26.16 -24.02 24.98
C ASP A 20 25.44 -23.17 26.04
N LEU A 21 25.61 -21.85 26.05
CA LEU A 21 24.93 -20.95 27.03
C LEU A 21 23.41 -21.16 26.94
N LYS A 22 22.74 -21.35 28.09
CA LYS A 22 21.27 -21.34 28.22
C LYS A 22 20.94 -20.27 29.27
N PRO A 23 20.02 -19.34 28.97
CA PRO A 23 19.64 -18.31 29.94
C PRO A 23 18.70 -18.87 31.03
N ASN A 24 18.77 -18.29 32.23
CA ASN A 24 17.87 -18.63 33.36
C ASN A 24 16.49 -18.02 33.10
N ALA A 25 15.50 -18.31 33.95
CA ALA A 25 14.08 -17.91 33.80
C ALA A 25 13.98 -16.41 33.53
N ALA A 26 14.69 -15.61 34.32
CA ALA A 26 14.61 -14.13 34.31
C ALA A 26 15.12 -13.60 32.97
N THR A 27 16.25 -14.14 32.51
CA THR A 27 16.97 -13.68 31.30
C THR A 27 16.12 -14.02 30.07
N ARG A 28 15.48 -15.20 30.06
CA ARG A 28 14.53 -15.63 29.00
C ARG A 28 13.37 -14.64 28.88
N ASP A 29 12.84 -14.17 30.00
CA ASP A 29 11.74 -13.16 30.04
C ASP A 29 12.27 -11.85 29.45
N GLN A 30 13.50 -11.45 29.75
CA GLN A 30 14.11 -10.20 29.20
C GLN A 30 14.30 -10.35 27.69
N LEU A 31 14.80 -11.50 27.25
CA LEU A 31 15.05 -11.78 25.80
C LEU A 31 13.71 -11.75 25.06
N ASN A 32 12.67 -12.38 25.61
CA ASN A 32 11.37 -12.50 24.91
C ASN A 32 10.79 -11.12 24.67
N ILE A 33 11.00 -10.19 25.61
CA ILE A 33 10.60 -8.76 25.50
C ILE A 33 11.39 -8.05 24.39
N ILE A 34 12.72 -8.20 24.37
CA ILE A 34 13.61 -7.57 23.34
C ILE A 34 13.21 -8.10 21.96
N VAL A 35 12.98 -9.40 21.85
CA VAL A 35 12.68 -10.11 20.56
C VAL A 35 11.29 -9.71 20.06
N SER A 36 10.40 -9.31 20.95
CA SER A 36 9.02 -8.90 20.59
C SER A 36 8.94 -7.41 20.23
N TYR A 37 10.00 -6.63 20.42
CA TYR A 37 9.96 -5.18 20.09
C TYR A 37 9.50 -4.97 18.65
N PRO A 38 8.84 -3.85 18.35
CA PRO A 38 8.57 -3.47 16.97
C PRO A 38 9.87 -3.36 16.19
N PRO A 39 9.85 -3.55 14.86
CA PRO A 39 11.08 -3.68 14.08
C PRO A 39 12.04 -2.48 14.07
N THR A 40 11.59 -1.24 14.23
CA THR A 40 12.51 -0.06 14.19
C THR A 40 12.73 0.55 15.60
N LYS A 41 12.35 -0.14 16.67
CA LYS A 41 12.70 0.30 18.04
C LYS A 41 14.21 0.05 18.25
N GLN A 42 14.94 1.10 18.59
CA GLN A 42 16.40 1.08 18.88
C GLN A 42 16.62 0.19 20.11
N LEU A 43 17.46 -0.84 20.01
CA LEU A 43 17.93 -1.61 21.18
C LEU A 43 19.03 -0.80 21.86
N THR A 44 19.04 -0.75 23.20
CA THR A 44 20.15 -0.20 24.03
C THR A 44 21.39 -1.07 23.81
N TYR A 45 22.59 -0.54 24.07
CA TYR A 45 23.89 -1.29 23.97
C TYR A 45 23.78 -2.56 24.84
N GLU A 46 23.14 -2.45 25.99
CA GLU A 46 23.01 -3.55 26.97
C GLU A 46 22.13 -4.67 26.36
N GLU A 47 20.99 -4.32 25.78
CA GLU A 47 20.05 -5.28 25.13
C GLU A 47 20.80 -5.95 23.94
N GLN A 48 21.57 -5.19 23.18
CA GLN A 48 22.34 -5.75 22.03
C GLN A 48 23.39 -6.73 22.56
N ASP A 49 24.04 -6.40 23.68
CA ASP A 49 25.00 -7.31 24.36
C ASP A 49 24.22 -8.57 24.76
N LEU A 50 23.03 -8.41 25.32
CA LEU A 50 22.28 -9.59 25.83
C LEU A 50 21.92 -10.50 24.67
N VAL A 51 21.54 -9.92 23.52
CA VAL A 51 21.13 -10.72 22.33
C VAL A 51 22.36 -11.43 21.76
N TRP A 52 23.46 -10.70 21.62
CA TRP A 52 24.76 -11.30 21.20
C TRP A 52 25.09 -12.49 22.13
N LYS A 53 25.09 -12.25 23.43
CA LYS A 53 25.49 -13.25 24.44
C LYS A 53 24.75 -14.57 24.24
N PHE A 54 23.44 -14.52 24.03
CA PHE A 54 22.59 -15.73 23.94
C PHE A 54 22.21 -16.02 22.48
N ARG A 55 23.09 -15.65 21.54
CA ARG A 55 22.81 -15.84 20.09
C ARG A 55 22.51 -17.32 19.80
N TYR A 56 23.26 -18.28 20.38
CA TYR A 56 23.10 -19.71 20.04
C TYR A 56 21.73 -20.17 20.54
N TYR A 57 21.27 -19.66 21.68
CA TYR A 57 19.94 -20.02 22.22
C TYR A 57 18.85 -19.42 21.31
N LEU A 58 19.07 -18.19 20.85
CA LEU A 58 18.07 -17.42 20.07
C LEU A 58 17.90 -18.01 18.66
N THR A 59 18.86 -18.79 18.14
CA THR A 59 18.76 -19.47 16.82
C THR A 59 17.46 -20.28 16.73
N ASN A 60 16.83 -20.67 17.85
CA ASN A 60 15.57 -21.47 17.86
C ASN A 60 14.34 -20.56 17.76
N GLN A 61 14.53 -19.23 17.76
CA GLN A 61 13.43 -18.24 17.63
C GLN A 61 13.62 -17.49 16.30
N GLU A 62 12.83 -17.82 15.28
CA GLU A 62 12.89 -17.18 13.94
C GLU A 62 12.72 -15.67 14.11
N LYS A 63 11.89 -15.20 15.05
CA LYS A 63 11.64 -13.74 15.29
C LYS A 63 12.91 -13.03 15.73
N ALA A 64 13.86 -13.74 16.36
CA ALA A 64 15.03 -13.14 17.03
C ALA A 64 16.12 -12.75 16.01
N LEU A 65 16.09 -13.28 14.78
CA LEU A 65 17.19 -13.09 13.82
C LEU A 65 17.33 -11.61 13.48
N THR A 66 16.23 -10.87 13.28
CA THR A 66 16.30 -9.42 12.91
C THR A 66 16.94 -8.63 14.05
N LYS A 67 16.70 -9.00 15.32
CA LYS A 67 17.36 -8.30 16.46
C LYS A 67 18.84 -8.62 16.44
N PHE A 68 19.19 -9.90 16.29
CA PHE A 68 20.59 -10.37 16.30
C PHE A 68 21.46 -9.61 15.28
N LEU A 69 20.99 -9.46 14.03
CA LEU A 69 21.81 -8.92 12.92
C LEU A 69 22.11 -7.44 13.14
N LYS A 70 21.24 -6.73 13.86
CA LYS A 70 21.44 -5.32 14.24
C LYS A 70 22.52 -5.15 15.34
N CYS A 71 22.91 -6.24 16.04
CA CYS A 71 23.94 -6.23 17.14
C CYS A 71 25.37 -6.43 16.60
N VAL A 72 25.51 -6.83 15.35
CA VAL A 72 26.82 -7.22 14.75
C VAL A 72 27.55 -5.94 14.34
N ASN A 73 28.87 -5.88 14.55
CA ASN A 73 29.76 -4.90 13.86
C ASN A 73 30.21 -5.54 12.55
N TRP A 74 29.55 -5.19 11.45
CA TRP A 74 29.80 -5.75 10.10
C TRP A 74 31.19 -5.30 9.62
N ASP A 75 31.73 -4.20 10.16
CA ASP A 75 33.09 -3.69 9.85
C ASP A 75 34.18 -4.57 10.48
N LEU A 76 33.87 -5.35 11.53
CA LEU A 76 34.84 -6.25 12.19
C LEU A 76 34.78 -7.61 11.48
N PRO A 77 35.70 -7.91 10.54
CA PRO A 77 35.69 -9.15 9.77
C PRO A 77 35.33 -10.44 10.53
N GLN A 78 35.91 -10.64 11.71
CA GLN A 78 35.74 -11.90 12.49
C GLN A 78 34.31 -11.96 13.05
N GLU A 79 33.72 -10.80 13.37
CA GLU A 79 32.35 -10.66 13.92
C GLU A 79 31.36 -11.01 12.80
N ALA A 80 31.49 -10.39 11.62
CA ALA A 80 30.67 -10.68 10.42
C ALA A 80 30.72 -12.18 10.10
N LYS A 81 31.90 -12.79 10.15
CA LYS A 81 32.14 -14.24 9.91
C LYS A 81 31.25 -15.04 10.87
N GLN A 82 31.29 -14.72 12.17
CA GLN A 82 30.50 -15.42 13.21
C GLN A 82 28.99 -15.17 12.98
N ALA A 83 28.62 -13.93 12.68
CA ALA A 83 27.24 -13.50 12.39
C ALA A 83 26.71 -14.34 11.23
N LEU A 84 27.47 -14.48 10.14
CA LEU A 84 26.98 -15.17 8.91
C LEU A 84 26.93 -16.67 9.17
N GLU A 85 27.77 -17.19 10.07
CA GLU A 85 27.72 -18.62 10.44
C GLU A 85 26.38 -18.88 11.15
N LEU A 86 26.00 -17.98 12.07
CA LEU A 86 24.73 -18.08 12.84
C LEU A 86 23.53 -17.86 11.90
N LEU A 87 23.65 -16.96 10.94
CA LEU A 87 22.60 -16.71 9.92
C LEU A 87 22.21 -18.05 9.28
N GLY A 88 23.20 -18.84 8.87
CA GLY A 88 23.00 -20.18 8.28
C GLY A 88 22.32 -21.14 9.23
N LYS A 89 22.62 -21.08 10.53
CA LYS A 89 22.08 -22.01 11.56
C LYS A 89 20.69 -21.56 12.01
N TRP A 90 20.31 -20.30 11.78
CA TRP A 90 19.06 -19.70 12.35
C TRP A 90 17.84 -20.42 11.78
N LYS A 91 16.85 -20.68 12.64
CA LYS A 91 15.50 -21.07 12.17
C LYS A 91 15.01 -20.02 11.17
N PRO A 92 14.64 -20.43 9.94
CA PRO A 92 14.38 -19.47 8.86
C PRO A 92 13.17 -18.59 9.21
N MET A 93 13.32 -17.28 9.02
CA MET A 93 12.26 -16.30 9.40
C MET A 93 11.13 -16.36 8.36
N ASP A 94 9.97 -15.80 8.70
CA ASP A 94 8.77 -15.88 7.84
C ASP A 94 8.96 -14.92 6.66
N VAL A 95 8.33 -15.21 5.52
CA VAL A 95 8.37 -14.33 4.31
C VAL A 95 8.11 -12.88 4.71
N GLU A 96 7.01 -12.65 5.41
CA GLU A 96 6.61 -11.29 5.88
C GLU A 96 7.81 -10.65 6.57
N ASP A 97 8.48 -11.40 7.46
CA ASP A 97 9.54 -10.88 8.36
C ASP A 97 10.82 -10.55 7.58
N SER A 98 11.08 -11.23 6.47
CA SER A 98 12.28 -10.98 5.62
C SER A 98 12.28 -9.54 5.10
N LEU A 99 11.10 -8.95 4.89
CA LEU A 99 10.95 -7.58 4.32
C LEU A 99 11.85 -6.61 5.08
N GLU A 100 11.95 -6.80 6.39
CA GLU A 100 12.78 -5.97 7.31
C GLU A 100 14.24 -5.93 6.85
N LEU A 101 14.77 -7.05 6.38
CA LEU A 101 16.20 -7.18 5.97
C LEU A 101 16.50 -6.44 4.65
N LEU A 102 15.48 -5.91 3.95
CA LEU A 102 15.68 -5.17 2.67
C LEU A 102 15.57 -3.67 2.92
N SER A 103 15.29 -3.27 4.18
CA SER A 103 15.31 -1.85 4.65
C SER A 103 16.73 -1.29 4.60
N SER A 104 16.85 0.01 4.81
CA SER A 104 18.13 0.76 4.88
C SER A 104 19.05 0.27 6.01
N HIS A 105 18.52 -0.48 6.99
CA HIS A 105 19.25 -0.84 8.24
C HIS A 105 20.12 -2.09 8.03
N TYR A 106 20.00 -2.79 6.90
CA TYR A 106 20.89 -3.93 6.58
C TYR A 106 21.62 -3.61 5.26
N THR A 107 22.96 -3.70 5.26
CA THR A 107 23.83 -3.40 4.10
C THR A 107 24.64 -4.62 3.68
N ASN A 108 24.68 -5.65 4.51
CA ASN A 108 25.58 -6.80 4.28
C ASN A 108 25.02 -7.63 3.13
N PRO A 109 25.77 -7.85 2.04
CA PRO A 109 25.20 -8.50 0.85
C PRO A 109 24.69 -9.92 1.12
N THR A 110 25.32 -10.67 2.04
CA THR A 110 24.83 -12.03 2.37
C THR A 110 23.47 -11.93 3.11
N VAL A 111 23.27 -10.90 3.94
CA VAL A 111 22.00 -10.72 4.70
C VAL A 111 20.91 -10.39 3.67
N ARG A 112 21.18 -9.45 2.77
CA ARG A 112 20.23 -8.97 1.74
C ARG A 112 19.90 -10.10 0.77
N ARG A 113 20.82 -11.01 0.50
CA ARG A 113 20.61 -12.14 -0.42
C ARG A 113 19.81 -13.21 0.32
N TYR A 114 19.96 -13.27 1.64
CA TYR A 114 19.22 -14.26 2.48
C TYR A 114 17.75 -13.83 2.53
N ALA A 115 17.50 -12.52 2.58
CA ALA A 115 16.15 -11.90 2.60
C ALA A 115 15.39 -12.29 1.34
N VAL A 116 16.03 -12.07 0.18
CA VAL A 116 15.50 -12.43 -1.16
C VAL A 116 15.21 -13.94 -1.22
N ALA A 117 16.08 -14.78 -0.65
CA ALA A 117 15.88 -16.26 -0.66
C ALA A 117 14.62 -16.60 0.16
N ARG A 118 14.34 -15.84 1.20
CA ARG A 118 13.09 -16.02 2.00
C ARG A 118 11.88 -15.58 1.16
N LEU A 119 11.91 -14.40 0.55
CA LEU A 119 10.84 -13.85 -0.36
C LEU A 119 10.50 -14.86 -1.45
N ARG A 120 11.50 -15.50 -2.04
CA ARG A 120 11.36 -16.53 -3.10
C ARG A 120 10.31 -17.57 -2.68
N GLN A 121 10.16 -17.80 -1.39
CA GLN A 121 9.20 -18.81 -0.87
C GLN A 121 7.75 -18.28 -0.95
N ALA A 122 7.56 -16.98 -1.19
CA ALA A 122 6.24 -16.30 -1.19
C ALA A 122 5.47 -16.61 -2.49
N ASP A 123 4.14 -16.59 -2.42
CA ASP A 123 3.24 -16.63 -3.60
C ASP A 123 3.23 -15.26 -4.29
N ASP A 124 2.95 -15.23 -5.59
CA ASP A 124 2.84 -13.95 -6.35
C ASP A 124 1.77 -13.06 -5.69
N GLU A 125 0.69 -13.64 -5.19
CA GLU A 125 -0.35 -12.89 -4.42
C GLU A 125 0.30 -12.03 -3.33
N ASP A 126 1.24 -12.59 -2.57
CA ASP A 126 1.92 -11.91 -1.44
C ASP A 126 2.85 -10.83 -2.01
N LEU A 127 3.70 -11.18 -2.95
CA LEU A 127 4.65 -10.21 -3.56
C LEU A 127 3.90 -8.96 -4.02
N LEU A 128 2.78 -9.12 -4.74
CA LEU A 128 2.02 -7.96 -5.30
C LEU A 128 1.64 -7.05 -4.15
N MET A 129 1.30 -7.64 -3.02
CA MET A 129 0.87 -6.87 -1.83
C MET A 129 2.05 -6.06 -1.28
N TYR A 130 3.31 -6.48 -1.51
CA TYR A 130 4.53 -5.82 -0.99
C TYR A 130 5.35 -5.12 -2.07
N LEU A 131 4.90 -5.10 -3.32
CA LEU A 131 5.78 -4.73 -4.48
C LEU A 131 6.08 -3.24 -4.45
N LEU A 132 5.12 -2.41 -4.07
CA LEU A 132 5.37 -0.96 -3.99
C LEU A 132 6.61 -0.73 -3.12
N GLN A 133 6.74 -1.52 -2.04
CA GLN A 133 7.80 -1.34 -1.01
C GLN A 133 9.08 -2.04 -1.48
N LEU A 134 8.98 -3.21 -2.13
CA LEU A 134 10.17 -3.87 -2.73
C LEU A 134 10.82 -2.98 -3.82
N VAL A 135 10.07 -2.12 -4.49
CA VAL A 135 10.64 -1.19 -5.52
C VAL A 135 11.37 -0.06 -4.80
N GLN A 136 10.84 0.42 -3.68
CA GLN A 136 11.57 1.34 -2.78
C GLN A 136 12.84 0.66 -2.27
N ALA A 137 12.79 -0.63 -1.90
CA ALA A 137 13.92 -1.37 -1.30
C ALA A 137 15.12 -1.41 -2.25
N LEU A 138 14.90 -1.22 -3.56
CA LEU A 138 15.98 -1.20 -4.58
C LEU A 138 17.00 -0.09 -4.24
N LYS A 139 16.54 1.01 -3.65
CA LYS A 139 17.37 2.17 -3.20
C LYS A 139 18.46 1.75 -2.21
N TYR A 140 18.33 0.58 -1.58
CA TYR A 140 19.27 0.08 -0.53
C TYR A 140 20.10 -1.08 -1.08
N GLU A 141 19.95 -1.40 -2.37
CA GLU A 141 20.72 -2.48 -3.01
C GLU A 141 22.06 -1.92 -3.52
N ASN A 142 22.91 -2.82 -3.99
CA ASN A 142 24.20 -2.49 -4.62
C ASN A 142 23.94 -2.06 -6.06
N PHE A 143 24.09 -0.78 -6.35
CA PHE A 143 23.85 -0.13 -7.67
C PHE A 143 24.82 -0.64 -8.74
N ASP A 144 26.08 -0.93 -8.36
CA ASP A 144 27.13 -1.46 -9.25
C ASP A 144 26.71 -2.83 -9.77
N ASP A 145 26.24 -3.71 -8.88
CA ASP A 145 25.73 -5.07 -9.23
C ASP A 145 24.53 -4.93 -10.16
N ILE A 146 23.65 -3.96 -9.91
CA ILE A 146 22.47 -3.71 -10.79
C ILE A 146 22.97 -3.35 -12.20
N LYS A 147 23.86 -2.36 -12.32
CA LYS A 147 24.48 -1.87 -13.59
C LYS A 147 25.13 -3.05 -14.35
N ASN A 148 25.87 -3.92 -13.65
CA ASN A 148 26.64 -5.03 -14.28
C ASN A 148 25.72 -6.12 -14.85
N GLY A 149 24.42 -6.07 -14.52
CA GLY A 149 23.42 -7.03 -15.05
C GLY A 149 23.12 -6.82 -16.54
N LEU A 150 23.53 -5.69 -17.13
CA LEU A 150 23.21 -5.31 -18.53
C LEU A 150 24.07 -6.12 -19.51
N ILE A 175 19.01 8.42 -22.08
CA ILE A 175 17.95 7.37 -21.99
C ILE A 175 16.74 7.94 -21.24
N ASP A 176 15.62 8.13 -21.96
CA ASP A 176 14.28 8.53 -21.44
C ASP A 176 13.52 7.25 -21.04
N SER A 177 13.23 7.10 -19.74
CA SER A 177 12.69 5.88 -19.09
C SER A 177 11.40 5.42 -19.77
N SER A 178 10.53 6.36 -20.13
CA SER A 178 9.20 6.12 -20.78
C SER A 178 9.33 5.55 -22.19
N GLN A 179 10.54 5.53 -22.77
CA GLN A 179 10.75 5.09 -24.17
C GLN A 179 11.58 3.81 -24.20
N ILE A 180 11.98 3.31 -23.04
CA ILE A 180 12.75 2.02 -23.00
C ILE A 180 11.85 0.92 -23.57
N ILE A 181 10.64 0.76 -23.03
CA ILE A 181 9.80 -0.43 -23.34
C ILE A 181 9.25 -0.28 -24.77
N THR A 182 9.15 0.95 -25.28
CA THR A 182 8.55 1.26 -26.61
C THR A 182 9.63 1.26 -27.69
N SER A 183 10.90 1.12 -27.32
CA SER A 183 12.03 1.32 -28.25
C SER A 183 12.92 0.09 -28.22
N PRO A 184 12.36 -1.10 -28.55
CA PRO A 184 13.14 -2.33 -28.55
C PRO A 184 14.21 -2.20 -29.64
N LEU A 185 15.41 -2.71 -29.36
CA LEU A 185 16.55 -2.66 -30.32
C LEU A 185 16.36 -3.76 -31.38
N PRO A 186 16.64 -3.47 -32.68
CA PRO A 186 16.70 -4.51 -33.71
C PRO A 186 17.97 -5.36 -33.60
N GLU A 207 21.61 -17.55 -5.39
CA GLU A 207 22.03 -16.23 -4.82
C GLU A 207 21.63 -15.10 -5.78
N GLN A 208 20.35 -14.77 -5.84
CA GLN A 208 19.83 -13.57 -6.53
C GLN A 208 19.82 -12.39 -5.57
N ASP A 209 20.07 -11.19 -6.08
CA ASP A 209 19.79 -9.93 -5.36
C ASP A 209 18.31 -9.55 -5.63
N LEU A 210 17.85 -8.41 -5.13
CA LEU A 210 16.43 -8.00 -5.22
C LEU A 210 16.08 -7.78 -6.70
N CYS A 211 16.89 -7.04 -7.42
CA CYS A 211 16.62 -6.67 -8.84
C CYS A 211 16.44 -7.95 -9.68
N THR A 212 17.39 -8.87 -9.61
CA THR A 212 17.38 -10.12 -10.40
C THR A 212 16.09 -10.86 -10.08
N PHE A 213 15.73 -10.93 -8.80
CA PHE A 213 14.57 -11.71 -8.33
C PHE A 213 13.27 -11.11 -8.87
N LEU A 214 13.07 -9.80 -8.73
CA LEU A 214 11.83 -9.11 -9.17
C LEU A 214 11.65 -9.33 -10.67
N ILE A 215 12.71 -9.18 -11.47
CA ILE A 215 12.61 -9.34 -12.95
C ILE A 215 12.28 -10.80 -13.29
N SER A 216 12.88 -11.73 -12.56
CA SER A 216 12.67 -13.17 -12.79
C SER A 216 11.20 -13.51 -12.51
N ARG A 217 10.64 -13.04 -11.40
CA ARG A 217 9.23 -13.35 -11.04
C ARG A 217 8.32 -12.60 -12.02
N ALA A 218 8.66 -11.37 -12.40
CA ALA A 218 7.81 -10.55 -13.31
C ALA A 218 7.69 -11.25 -14.67
N CYS A 219 8.75 -11.90 -15.17
CA CYS A 219 8.77 -12.58 -16.48
C CYS A 219 7.78 -13.77 -16.50
N LYS A 220 7.43 -14.32 -15.34
CA LYS A 220 6.53 -15.51 -15.25
C LYS A 220 5.10 -15.09 -14.89
N ASN A 221 4.85 -13.83 -14.56
CA ASN A 221 3.53 -13.39 -14.06
C ASN A 221 3.20 -12.02 -14.65
N SER A 222 2.26 -11.98 -15.59
CA SER A 222 1.90 -10.74 -16.32
C SER A 222 1.38 -9.66 -15.36
N THR A 223 0.74 -10.03 -14.25
CA THR A 223 0.17 -9.03 -13.30
C THR A 223 1.33 -8.32 -12.59
N LEU A 224 2.26 -9.12 -12.11
CA LEU A 224 3.48 -8.67 -11.41
C LEU A 224 4.30 -7.80 -12.37
N ALA A 225 4.42 -8.21 -13.63
CA ALA A 225 5.18 -7.49 -14.67
C ALA A 225 4.57 -6.10 -14.83
N ASN A 226 3.24 -6.05 -14.84
CA ASN A 226 2.52 -4.80 -15.11
C ASN A 226 2.83 -3.82 -13.98
N TYR A 227 2.68 -4.24 -12.73
CA TYR A 227 2.94 -3.33 -11.58
C TYR A 227 4.42 -2.98 -11.51
N LEU A 228 5.31 -3.95 -11.66
CA LEU A 228 6.77 -3.67 -11.68
C LEU A 228 7.02 -2.57 -12.70
N TYR A 229 6.44 -2.69 -13.89
CA TYR A 229 6.69 -1.72 -14.97
C TYR A 229 6.32 -0.33 -14.46
N TRP A 230 5.08 -0.15 -14.02
CA TRP A 230 4.57 1.19 -13.65
C TRP A 230 5.23 1.70 -12.37
N TYR A 231 5.51 0.84 -11.40
CA TYR A 231 6.19 1.28 -10.15
C TYR A 231 7.56 1.85 -10.50
N VAL A 232 8.31 1.19 -11.38
CA VAL A 232 9.69 1.62 -11.75
C VAL A 232 9.61 2.89 -12.61
N ILE A 233 8.65 2.98 -13.53
CA ILE A 233 8.49 4.20 -14.38
C ILE A 233 8.34 5.43 -13.48
N VAL A 234 7.50 5.36 -12.45
CA VAL A 234 7.24 6.51 -11.55
C VAL A 234 8.54 6.85 -10.78
N GLU A 235 9.30 5.86 -10.34
CA GLU A 235 10.58 6.14 -9.66
C GLU A 235 11.54 6.83 -10.65
N CYS A 236 11.52 6.47 -11.93
CA CYS A 236 12.38 7.07 -12.99
C CYS A 236 11.97 8.51 -13.25
N GLU A 237 10.67 8.83 -13.24
CA GLU A 237 10.13 10.18 -13.52
C GLU A 237 10.28 11.11 -12.29
N ASP A 238 10.63 10.61 -11.11
CA ASP A 238 10.76 11.42 -9.87
C ASP A 238 11.90 12.46 -10.04
N GLN A 239 11.53 13.75 -10.11
CA GLN A 239 12.43 14.93 -10.34
C GLN A 239 13.35 15.17 -9.15
N ASP A 240 12.86 14.93 -7.93
CA ASP A 240 13.65 15.05 -6.67
C ASP A 240 14.77 14.00 -6.67
N THR A 241 14.47 12.73 -6.92
CA THR A 241 15.49 11.66 -7.12
C THR A 241 16.50 12.14 -8.19
N GLN A 242 16.02 12.65 -9.34
CA GLN A 242 16.88 13.14 -10.45
C GLN A 242 17.80 14.27 -9.94
N GLN A 243 17.23 15.31 -9.30
CA GLN A 243 17.96 16.48 -8.74
C GLN A 243 18.81 16.02 -7.55
N ARG A 244 18.21 15.44 -6.51
CA ARG A 244 18.92 15.19 -5.23
C ARG A 244 19.72 13.89 -5.22
N ASP A 245 19.44 12.91 -6.09
CA ASP A 245 20.08 11.56 -5.98
C ASP A 245 20.28 10.93 -7.36
N PRO A 246 21.09 11.55 -8.25
CA PRO A 246 21.22 11.07 -9.63
C PRO A 246 21.62 9.60 -9.69
N LYS A 247 22.40 9.10 -8.74
CA LYS A 247 22.87 7.68 -8.73
C LYS A 247 21.67 6.74 -8.56
N THR A 248 20.64 7.20 -7.85
CA THR A 248 19.40 6.43 -7.56
C THR A 248 18.53 6.42 -8.81
N HIS A 249 18.33 7.57 -9.43
CA HIS A 249 17.70 7.70 -10.76
C HIS A 249 18.36 6.72 -11.74
N GLU A 250 19.69 6.71 -11.80
CA GLU A 250 20.46 5.85 -12.74
C GLU A 250 20.19 4.37 -12.43
N MET A 251 20.15 4.00 -11.15
CA MET A 251 19.84 2.60 -10.76
C MET A 251 18.44 2.23 -11.27
N TYR A 252 17.45 3.12 -11.20
CA TYR A 252 16.07 2.79 -11.63
C TYR A 252 16.00 2.70 -13.15
N LEU A 253 16.67 3.58 -13.90
CA LEU A 253 16.90 3.39 -15.37
C LEU A 253 17.51 2.03 -15.62
N ASN A 254 18.54 1.64 -14.88
CA ASN A 254 19.20 0.32 -15.07
C ASN A 254 18.23 -0.82 -14.79
N VAL A 255 17.34 -0.66 -13.81
CA VAL A 255 16.34 -1.71 -13.52
C VAL A 255 15.46 -1.85 -14.77
N MET A 256 14.98 -0.73 -15.29
CA MET A 256 14.00 -0.75 -16.41
C MET A 256 14.68 -1.35 -17.65
N ARG A 257 15.95 -1.03 -17.90
CA ARG A 257 16.63 -1.50 -19.12
C ARG A 257 16.86 -3.01 -19.00
N ARG A 258 17.16 -3.47 -17.81
CA ARG A 258 17.34 -4.91 -17.51
C ARG A 258 16.00 -5.66 -17.66
N PHE A 259 14.91 -5.07 -17.16
CA PHE A 259 13.54 -5.64 -17.26
C PHE A 259 13.18 -5.81 -18.74
N SER A 260 13.36 -4.76 -19.54
CA SER A 260 13.16 -4.76 -21.01
C SER A 260 13.98 -5.89 -21.65
N GLN A 261 15.26 -5.97 -21.33
CA GLN A 261 16.15 -6.99 -21.96
C GLN A 261 15.68 -8.39 -21.57
N ALA A 262 15.26 -8.60 -20.32
CA ALA A 262 14.83 -9.95 -19.87
C ALA A 262 13.59 -10.33 -20.67
N LEU A 263 12.71 -9.36 -20.94
CA LEU A 263 11.44 -9.66 -21.65
C LEU A 263 11.77 -10.01 -23.10
N LEU A 264 12.68 -9.27 -23.72
CA LEU A 264 13.07 -9.44 -25.15
C LEU A 264 13.78 -10.79 -25.32
N LYS A 265 14.37 -11.34 -24.26
CA LYS A 265 15.08 -12.65 -24.31
C LYS A 265 14.11 -13.83 -24.13
N GLY A 266 12.88 -13.60 -23.65
CA GLY A 266 12.02 -14.71 -23.16
C GLY A 266 11.37 -15.45 -24.32
N ASP A 267 10.54 -16.45 -24.00
CA ASP A 267 9.72 -17.18 -25.01
C ASP A 267 8.57 -16.28 -25.50
N LYS A 268 7.70 -16.83 -26.34
CA LYS A 268 6.80 -16.03 -27.22
C LYS A 268 5.88 -15.20 -26.33
N SER A 269 5.30 -15.86 -25.33
CA SER A 269 4.41 -15.25 -24.30
C SER A 269 5.13 -14.10 -23.62
N VAL A 270 6.39 -14.31 -23.23
CA VAL A 270 7.17 -13.29 -22.48
C VAL A 270 7.47 -12.09 -23.38
N ARG A 271 7.84 -12.32 -24.65
CA ARG A 271 8.14 -11.25 -25.64
C ARG A 271 6.87 -10.43 -25.88
N VAL A 272 5.70 -11.06 -25.90
CA VAL A 272 4.43 -10.33 -26.09
C VAL A 272 4.10 -9.44 -24.87
N MET A 273 4.50 -9.85 -23.66
CA MET A 273 4.30 -9.03 -22.44
C MET A 273 4.88 -7.64 -22.70
N ARG A 274 6.12 -7.58 -23.20
CA ARG A 274 6.85 -6.32 -23.53
C ARG A 274 5.97 -5.45 -24.42
N SER A 275 5.42 -5.99 -25.51
CA SER A 275 4.67 -5.17 -26.50
C SER A 275 3.32 -4.74 -25.87
N LEU A 276 2.78 -5.51 -24.94
CA LEU A 276 1.58 -5.08 -24.18
C LEU A 276 1.93 -3.93 -23.22
N LEU A 277 3.09 -3.96 -22.56
CA LEU A 277 3.54 -2.84 -21.69
C LEU A 277 3.72 -1.60 -22.59
N ALA A 278 4.29 -1.81 -23.77
CA ALA A 278 4.58 -0.74 -24.76
C ALA A 278 3.25 -0.12 -25.17
N ALA A 279 2.23 -0.94 -25.44
CA ALA A 279 0.89 -0.47 -25.85
C ALA A 279 0.26 0.34 -24.70
N GLN A 280 0.41 -0.09 -23.45
CA GLN A 280 -0.14 0.66 -22.30
C GLN A 280 0.58 2.00 -22.23
N GLN A 281 1.91 1.99 -22.34
CA GLN A 281 2.73 3.23 -22.23
C GLN A 281 2.24 4.23 -23.29
N THR A 282 2.04 3.80 -24.53
CA THR A 282 1.69 4.76 -25.63
C THR A 282 0.23 5.17 -25.46
N PHE A 283 -0.62 4.30 -24.94
CA PHE A 283 -2.03 4.64 -24.62
C PHE A 283 -2.07 5.78 -23.61
N VAL A 284 -1.34 5.64 -22.51
CA VAL A 284 -1.29 6.63 -21.39
C VAL A 284 -0.70 7.94 -21.95
N ASP A 285 0.39 7.87 -22.74
CA ASP A 285 1.01 9.06 -23.39
C ASP A 285 -0.06 9.81 -24.21
N ARG A 286 -0.91 9.10 -24.95
CA ARG A 286 -2.01 9.73 -25.73
C ARG A 286 -3.06 10.32 -24.79
N LEU A 287 -3.39 9.64 -23.70
CA LEU A 287 -4.40 10.14 -22.73
C LEU A 287 -3.90 11.45 -22.12
N VAL A 288 -2.61 11.53 -21.84
CA VAL A 288 -1.94 12.72 -21.25
C VAL A 288 -2.00 13.85 -22.28
N HIS A 289 -1.59 13.59 -23.52
CA HIS A 289 -1.72 14.57 -24.63
C HIS A 289 -3.17 15.07 -24.64
N LEU A 290 -4.15 14.20 -24.51
CA LEU A 290 -5.58 14.57 -24.62
C LEU A 290 -5.98 15.46 -23.45
N MET A 291 -5.52 15.15 -22.23
CA MET A 291 -5.81 15.92 -21.02
C MET A 291 -5.24 17.33 -21.17
N LYS A 292 -3.97 17.45 -21.58
CA LYS A 292 -3.32 18.76 -21.84
C LYS A 292 -4.15 19.60 -22.83
N ALA A 293 -4.69 19.00 -23.89
CA ALA A 293 -5.52 19.70 -24.89
C ALA A 293 -6.81 20.17 -24.22
N VAL A 294 -7.49 19.30 -23.46
CA VAL A 294 -8.77 19.66 -22.79
C VAL A 294 -8.51 20.76 -21.73
N GLN A 295 -7.37 20.71 -21.04
CA GLN A 295 -7.01 21.70 -19.99
C GLN A 295 -6.66 23.02 -20.70
N ARG A 296 -5.96 22.98 -21.83
CA ARG A 296 -5.52 24.16 -22.65
C ARG A 296 -6.73 24.80 -23.37
N GLU A 297 -7.92 24.21 -23.30
CA GLU A 297 -9.16 24.80 -23.88
C GLU A 297 -9.72 25.83 -22.91
N SER A 298 -9.89 27.09 -23.35
CA SER A 298 -10.67 28.12 -22.63
C SER A 298 -12.16 27.76 -22.74
N GLY A 299 -12.97 28.22 -21.77
CA GLY A 299 -14.40 27.88 -21.70
C GLY A 299 -14.70 27.12 -20.42
N ASN A 300 -15.84 26.42 -20.41
CA ASN A 300 -16.52 25.88 -19.20
C ASN A 300 -16.68 24.37 -19.35
N ARG A 301 -16.97 23.68 -18.24
CA ARG A 301 -17.06 22.19 -18.15
C ARG A 301 -17.74 21.62 -19.43
N LYS A 302 -18.77 22.28 -19.97
CA LYS A 302 -19.53 21.79 -21.16
C LYS A 302 -18.68 21.90 -22.44
N LYS A 303 -17.90 22.97 -22.62
CA LYS A 303 -17.04 23.17 -23.83
C LYS A 303 -15.83 22.24 -23.72
N LYS A 304 -15.26 22.12 -22.52
CA LYS A 304 -14.20 21.14 -22.15
C LYS A 304 -14.69 19.71 -22.38
N ASN A 305 -15.93 19.37 -21.98
CA ASN A 305 -16.48 18.01 -22.13
C ASN A 305 -16.61 17.66 -23.62
N GLU A 306 -16.93 18.63 -24.47
CA GLU A 306 -17.05 18.39 -25.93
C GLU A 306 -15.66 18.18 -26.54
N ARG A 307 -14.63 18.92 -26.10
CA ARG A 307 -13.23 18.68 -26.59
C ARG A 307 -12.81 17.24 -26.20
N LEU A 308 -13.13 16.82 -24.97
CA LEU A 308 -12.84 15.47 -24.45
C LEU A 308 -13.49 14.43 -25.36
N GLN A 309 -14.81 14.50 -25.56
CA GLN A 309 -15.56 13.50 -26.36
C GLN A 309 -15.09 13.51 -27.83
N ALA A 310 -14.83 14.68 -28.40
CA ALA A 310 -14.35 14.87 -29.80
C ALA A 310 -13.01 14.14 -29.98
N LEU A 311 -12.04 14.41 -29.11
CA LEU A 311 -10.67 13.84 -29.26
C LEU A 311 -10.72 12.32 -29.03
N LEU A 312 -11.50 11.85 -28.05
CA LEU A 312 -11.65 10.40 -27.81
C LEU A 312 -12.30 9.76 -29.04
N GLY A 313 -13.24 10.46 -29.67
CA GLY A 313 -14.01 10.01 -30.85
C GLY A 313 -13.15 9.81 -32.09
N ASP A 314 -12.03 10.52 -32.22
CA ASP A 314 -11.12 10.44 -33.40
C ASP A 314 -9.99 9.42 -33.13
N ASN A 315 -10.19 8.16 -33.51
CA ASN A 315 -9.24 7.03 -33.20
C ASN A 315 -8.02 7.10 -34.12
N GLU A 316 -8.19 7.54 -35.37
CA GLU A 316 -7.06 7.70 -36.34
C GLU A 316 -6.09 8.76 -35.80
N LYS A 317 -6.62 9.82 -35.18
CA LYS A 317 -5.80 10.85 -34.50
C LYS A 317 -5.22 10.30 -33.18
N MET A 318 -6.06 9.83 -32.24
CA MET A 318 -5.63 9.63 -30.82
C MET A 318 -5.42 8.14 -30.48
N ASN A 319 -6.12 7.21 -31.15
CA ASN A 319 -6.09 5.73 -30.90
C ASN A 319 -6.48 5.41 -29.44
N LEU A 320 -7.59 6.00 -28.93
CA LEU A 320 -8.07 5.82 -27.54
C LEU A 320 -9.43 5.12 -27.46
N SER A 321 -10.27 5.16 -28.50
CA SER A 321 -11.63 4.57 -28.44
C SER A 321 -11.67 3.10 -28.92
N ASP A 322 -10.71 2.66 -29.75
CA ASP A 322 -10.75 1.35 -30.46
C ASP A 322 -9.32 0.80 -30.61
N VAL A 323 -8.92 -0.09 -29.70
CA VAL A 323 -7.56 -0.70 -29.67
C VAL A 323 -7.69 -2.23 -29.49
N GLU A 324 -6.64 -2.97 -29.84
CA GLU A 324 -6.48 -4.42 -29.55
C GLU A 324 -6.38 -4.59 -28.03
N LEU A 325 -6.80 -5.72 -27.47
CA LEU A 325 -6.97 -5.88 -26.01
C LEU A 325 -5.64 -5.52 -25.33
N ILE A 326 -5.65 -4.48 -24.49
CA ILE A 326 -4.47 -4.12 -23.65
C ILE A 326 -4.90 -4.29 -22.20
N PRO A 327 -3.99 -4.71 -21.30
CA PRO A 327 -4.27 -4.68 -19.87
C PRO A 327 -4.55 -3.25 -19.37
N LEU A 328 -5.62 -3.07 -18.60
CA LEU A 328 -5.87 -1.78 -17.89
C LEU A 328 -4.74 -1.55 -16.88
N PRO A 329 -3.92 -0.50 -17.02
CA PRO A 329 -2.78 -0.32 -16.11
C PRO A 329 -3.21 -0.42 -14.64
N LEU A 330 -4.38 0.15 -14.35
CA LEU A 330 -5.01 0.24 -13.01
C LEU A 330 -5.31 -1.14 -12.45
N GLU A 331 -5.65 -2.11 -13.31
CA GLU A 331 -6.07 -3.48 -12.88
C GLU A 331 -5.81 -4.41 -14.05
N PRO A 332 -4.55 -4.89 -14.22
CA PRO A 332 -4.14 -5.53 -15.47
C PRO A 332 -4.81 -6.90 -15.73
N GLN A 333 -5.49 -7.47 -14.74
CA GLN A 333 -6.34 -8.70 -14.93
C GLN A 333 -7.49 -8.35 -15.88
N VAL A 334 -7.92 -7.08 -15.96
CA VAL A 334 -9.02 -6.60 -16.83
C VAL A 334 -8.41 -6.10 -18.15
N LYS A 335 -8.75 -6.73 -19.28
CA LYS A 335 -8.32 -6.28 -20.62
C LYS A 335 -9.40 -5.35 -21.19
N ILE A 336 -8.96 -4.28 -21.85
CA ILE A 336 -9.85 -3.19 -22.32
C ILE A 336 -9.76 -3.07 -23.85
N ARG A 337 -10.89 -2.75 -24.49
CA ARG A 337 -11.08 -2.61 -25.97
C ARG A 337 -10.98 -1.14 -26.38
N GLY A 338 -11.10 -0.23 -25.40
CA GLY A 338 -10.89 1.22 -25.55
C GLY A 338 -11.86 1.99 -24.67
N ILE A 339 -11.81 3.31 -24.74
CA ILE A 339 -12.68 4.25 -23.97
C ILE A 339 -13.96 4.53 -24.77
N ILE A 340 -15.11 4.54 -24.11
CA ILE A 340 -16.42 4.94 -24.71
C ILE A 340 -16.44 6.47 -24.81
N PRO A 341 -16.33 7.11 -26.00
CA PRO A 341 -16.12 8.55 -26.08
C PRO A 341 -17.29 9.41 -25.58
N GLU A 342 -18.53 8.98 -25.84
CA GLU A 342 -19.76 9.80 -25.66
C GLU A 342 -20.19 9.86 -24.18
N THR A 343 -19.61 9.05 -23.29
CA THR A 343 -19.93 9.07 -21.83
C THR A 343 -18.79 9.72 -21.04
N ALA A 344 -17.70 10.11 -21.67
CA ALA A 344 -16.53 10.69 -20.98
C ALA A 344 -16.87 12.12 -20.55
N THR A 345 -16.58 12.49 -19.30
CA THR A 345 -16.81 13.87 -18.78
C THR A 345 -15.78 14.18 -17.70
N LEU A 346 -15.53 15.46 -17.49
CA LEU A 346 -14.69 15.96 -16.38
C LEU A 346 -15.50 15.86 -15.09
N ALA A 347 -14.89 15.36 -14.02
CA ALA A 347 -15.55 15.24 -12.70
C ALA A 347 -15.63 16.64 -12.06
N LYS A 348 -16.63 16.86 -11.20
CA LYS A 348 -16.88 18.18 -10.58
C LYS A 348 -15.95 18.33 -9.37
N SER A 349 -14.71 18.76 -9.62
CA SER A 349 -13.71 19.15 -8.60
C SER A 349 -12.76 20.17 -9.22
N ALA A 350 -11.92 20.79 -8.41
CA ALA A 350 -10.88 21.77 -8.82
C ALA A 350 -9.99 21.16 -9.91
N ASN A 351 -9.40 19.99 -9.65
CA ASN A 351 -8.44 19.28 -10.55
C ASN A 351 -9.11 18.91 -11.89
N MET A 352 -10.42 18.65 -11.89
CA MET A 352 -11.20 18.23 -13.09
C MET A 352 -10.56 17.00 -13.73
N PRO A 353 -10.49 15.88 -12.99
CA PRO A 353 -10.12 14.61 -13.61
C PRO A 353 -11.20 14.14 -14.59
N ALA A 354 -10.77 13.42 -15.61
CA ALA A 354 -11.66 12.76 -16.59
C ALA A 354 -12.24 11.48 -15.95
N GLN A 355 -13.57 11.38 -15.86
CA GLN A 355 -14.28 10.09 -15.66
C GLN A 355 -14.39 9.41 -17.03
N LEU A 356 -13.73 8.28 -17.21
CA LEU A 356 -13.65 7.52 -18.50
C LEU A 356 -14.22 6.13 -18.26
N PHE A 357 -15.05 5.63 -19.18
CA PHE A 357 -15.59 4.25 -19.15
C PHE A 357 -14.83 3.43 -20.19
N PHE A 358 -14.13 2.39 -19.73
CA PHE A 358 -13.42 1.44 -20.60
C PHE A 358 -14.38 0.31 -20.96
N LYS A 359 -14.45 -0.07 -22.23
CA LYS A 359 -15.13 -1.33 -22.67
C LYS A 359 -14.16 -2.47 -22.33
N THR A 360 -14.62 -3.51 -21.63
CA THR A 360 -13.77 -4.66 -21.21
C THR A 360 -13.94 -5.81 -22.22
N GLU A 361 -13.02 -6.78 -22.17
CA GLU A 361 -13.04 -7.98 -23.06
C GLU A 361 -14.36 -8.74 -22.82
N ASP A 362 -14.95 -8.71 -21.62
CA ASP A 362 -16.19 -9.48 -21.33
C ASP A 362 -17.45 -8.59 -21.46
N GLY A 363 -17.40 -7.54 -22.27
CA GLY A 363 -18.58 -6.69 -22.58
C GLY A 363 -19.05 -5.88 -21.38
N GLY A 364 -18.20 -5.70 -20.38
CA GLY A 364 -18.44 -4.79 -19.25
C GLY A 364 -17.91 -3.39 -19.53
N LYS A 365 -18.23 -2.48 -18.62
CA LYS A 365 -17.71 -1.10 -18.55
C LYS A 365 -16.91 -1.00 -17.24
N TYR A 366 -15.71 -0.47 -17.29
CA TYR A 366 -14.87 -0.23 -16.08
C TYR A 366 -14.61 1.26 -16.01
N PRO A 367 -15.33 1.99 -15.12
CA PRO A 367 -15.09 3.41 -14.94
C PRO A 367 -13.83 3.71 -14.12
N VAL A 368 -13.10 4.74 -14.53
CA VAL A 368 -11.91 5.26 -13.80
C VAL A 368 -12.02 6.78 -13.74
N LEU A 369 -11.17 7.40 -12.94
CA LEU A 369 -10.76 8.81 -13.09
C LEU A 369 -9.33 8.79 -13.63
N PHE A 370 -9.05 9.60 -14.64
CA PHE A 370 -7.65 9.90 -15.00
C PHE A 370 -7.38 11.34 -14.55
N LYS A 371 -6.42 11.50 -13.64
CA LYS A 371 -5.95 12.80 -13.09
C LYS A 371 -4.68 13.20 -13.83
N HIS A 372 -4.61 14.46 -14.25
CA HIS A 372 -3.42 15.11 -14.83
C HIS A 372 -3.12 16.38 -14.03
N GLY A 373 -1.88 16.52 -13.58
CA GLY A 373 -1.42 17.64 -12.73
C GLY A 373 -1.65 17.33 -11.26
N ASP A 374 -1.27 16.13 -10.81
CA ASP A 374 -1.64 15.60 -9.47
C ASP A 374 -0.75 14.40 -9.18
N ASP A 375 -0.10 14.37 -8.03
CA ASP A 375 0.76 13.24 -7.58
C ASP A 375 -0.12 12.28 -6.79
N LEU A 376 -0.37 11.09 -7.32
CA LEU A 376 -1.31 10.10 -6.75
C LEU A 376 -0.60 9.15 -5.79
N ARG A 377 0.71 9.29 -5.63
CA ARG A 377 1.55 8.30 -4.90
C ARG A 377 1.10 8.15 -3.45
N GLN A 378 0.65 9.20 -2.76
CA GLN A 378 0.22 9.11 -1.35
C GLN A 378 -1.09 8.30 -1.29
N ASP A 379 -2.04 8.60 -2.16
CA ASP A 379 -3.28 7.78 -2.32
C ASP A 379 -2.90 6.35 -2.71
N GLN A 380 -1.93 6.17 -3.61
CA GLN A 380 -1.57 4.81 -4.07
C GLN A 380 -1.11 4.02 -2.85
N LEU A 381 -0.29 4.61 -1.99
CA LEU A 381 0.30 3.84 -0.86
C LEU A 381 -0.82 3.46 0.09
N ILE A 382 -1.71 4.39 0.40
CA ILE A 382 -2.80 4.18 1.40
C ILE A 382 -3.74 3.10 0.89
N LEU A 383 -4.16 3.18 -0.36
CA LEU A 383 -5.06 2.14 -0.96
C LEU A 383 -4.35 0.78 -1.00
N GLN A 384 -3.04 0.74 -1.21
CA GLN A 384 -2.28 -0.54 -1.17
C GLN A 384 -2.26 -1.07 0.27
N ILE A 385 -2.13 -0.19 1.27
CA ILE A 385 -2.10 -0.65 2.69
C ILE A 385 -3.51 -1.08 3.10
N ILE A 386 -4.55 -0.36 2.68
CA ILE A 386 -5.95 -0.72 3.01
C ILE A 386 -6.22 -2.08 2.36
N SER A 387 -5.74 -2.25 1.13
CA SER A 387 -5.87 -3.52 0.38
C SER A 387 -5.21 -4.63 1.21
N LEU A 388 -4.03 -4.38 1.77
CA LEU A 388 -3.32 -5.39 2.60
C LEU A 388 -4.11 -5.67 3.88
N MET A 389 -4.51 -4.62 4.60
CA MET A 389 -5.29 -4.76 5.85
C MET A 389 -6.57 -5.57 5.58
N ASP A 390 -7.25 -5.28 4.47
CA ASP A 390 -8.48 -5.98 4.09
C ASP A 390 -8.14 -7.46 3.93
N LYS A 391 -7.01 -7.79 3.29
CA LYS A 391 -6.60 -9.20 3.01
C LYS A 391 -6.22 -9.89 4.34
N LEU A 392 -5.53 -9.21 5.24
CA LEU A 392 -5.17 -9.80 6.56
C LEU A 392 -6.46 -10.07 7.36
N LEU A 393 -7.44 -9.17 7.34
CA LEU A 393 -8.72 -9.38 8.05
C LEU A 393 -9.46 -10.62 7.47
N ARG A 394 -9.53 -10.74 6.15
CA ARG A 394 -10.18 -11.88 5.46
C ARG A 394 -9.45 -13.19 5.76
N LYS A 395 -8.11 -13.19 5.80
CA LYS A 395 -7.26 -14.35 6.21
C LYS A 395 -7.72 -14.82 7.59
N GLU A 396 -7.98 -13.89 8.51
CA GLU A 396 -8.51 -14.17 9.87
C GLU A 396 -10.03 -14.33 9.85
N ASN A 397 -10.67 -14.43 8.68
CA ASN A 397 -12.13 -14.69 8.51
C ASN A 397 -12.98 -13.52 9.02
N LEU A 398 -12.48 -12.29 8.93
CA LEU A 398 -13.26 -11.07 9.14
C LEU A 398 -13.32 -10.30 7.81
N ASP A 399 -14.43 -10.44 7.08
CA ASP A 399 -14.69 -9.66 5.85
C ASP A 399 -15.51 -8.43 6.26
N LEU A 400 -14.86 -7.25 6.39
CA LEU A 400 -15.58 -6.06 6.87
C LEU A 400 -16.13 -5.22 5.68
N LYS A 401 -16.21 -5.80 4.47
CA LYS A 401 -16.93 -5.18 3.32
C LYS A 401 -16.31 -3.81 3.02
N LEU A 402 -14.99 -3.79 3.00
CA LEU A 402 -14.15 -2.62 2.70
C LEU A 402 -14.12 -2.42 1.19
N THR A 403 -13.68 -1.24 0.75
CA THR A 403 -13.58 -0.87 -0.68
C THR A 403 -12.16 -0.38 -0.93
N PRO A 404 -11.17 -1.29 -0.97
CA PRO A 404 -9.81 -0.92 -1.35
C PRO A 404 -9.77 -0.73 -2.87
N TYR A 405 -10.34 0.37 -3.36
CA TYR A 405 -10.38 0.71 -4.81
C TYR A 405 -8.95 0.90 -5.32
N LYS A 406 -8.75 0.58 -6.59
CA LYS A 406 -7.44 0.61 -7.27
C LYS A 406 -6.98 2.05 -7.48
N VAL A 407 -5.69 2.29 -7.28
CA VAL A 407 -5.00 3.56 -7.60
C VAL A 407 -3.68 3.21 -8.25
N LEU A 408 -3.37 3.82 -9.40
CA LEU A 408 -2.06 3.69 -10.04
C LEU A 408 -1.57 5.04 -10.54
N ALA A 409 -0.43 5.49 -10.03
CA ALA A 409 0.37 6.58 -10.63
C ALA A 409 0.99 6.06 -11.93
N THR A 410 0.78 6.73 -13.04
CA THR A 410 1.47 6.46 -14.33
C THR A 410 2.62 7.47 -14.48
N SER A 411 2.72 8.41 -13.57
CA SER A 411 3.85 9.36 -13.41
C SER A 411 3.74 10.02 -12.03
N THR A 412 4.66 10.93 -11.71
CA THR A 412 4.52 11.81 -10.52
C THR A 412 3.43 12.86 -10.78
N LYS A 413 2.95 13.02 -12.02
CA LYS A 413 2.06 14.14 -12.43
C LYS A 413 0.68 13.62 -12.91
N HIS A 414 0.47 12.31 -13.05
CA HIS A 414 -0.82 11.78 -13.55
C HIS A 414 -1.02 10.32 -13.11
N GLY A 415 -2.25 9.83 -13.21
CA GLY A 415 -2.56 8.44 -12.85
C GLY A 415 -4.04 8.16 -12.86
N PHE A 416 -4.41 6.94 -12.47
CA PHE A 416 -5.77 6.41 -12.48
C PHE A 416 -6.23 6.14 -11.05
N LEU A 417 -7.52 6.37 -10.81
CA LEU A 417 -8.27 5.78 -9.67
C LEU A 417 -9.48 5.05 -10.25
N GLN A 418 -9.76 3.87 -9.72
CA GLN A 418 -11.00 3.12 -9.97
C GLN A 418 -12.21 3.91 -9.47
N TRP A 419 -13.20 4.10 -10.34
CA TRP A 419 -14.51 4.69 -9.97
C TRP A 419 -15.42 3.57 -9.49
N ILE A 420 -15.86 3.62 -8.24
CA ILE A 420 -16.81 2.61 -7.67
C ILE A 420 -18.22 3.03 -8.12
N GLN A 421 -18.76 2.31 -9.12
CA GLN A 421 -20.02 2.67 -9.78
C GLN A 421 -21.14 2.61 -8.72
N GLY A 422 -21.98 3.64 -8.67
CA GLY A 422 -23.16 3.70 -7.78
C GLY A 422 -22.79 4.16 -6.37
N SER A 423 -21.60 4.72 -6.18
CA SER A 423 -21.16 5.28 -4.89
C SER A 423 -21.53 6.77 -4.90
N VAL A 424 -21.91 7.34 -3.75
CA VAL A 424 -22.24 8.79 -3.64
C VAL A 424 -21.66 9.31 -2.34
N PRO A 425 -21.16 10.55 -2.29
CA PRO A 425 -20.73 11.16 -1.04
C PRO A 425 -21.89 11.19 -0.04
N VAL A 426 -21.59 11.03 1.24
CA VAL A 426 -22.62 11.02 2.32
C VAL A 426 -23.32 12.37 2.31
N ALA A 427 -22.57 13.45 2.05
CA ALA A 427 -23.06 14.84 1.89
C ALA A 427 -24.24 14.87 0.92
N GLU A 428 -24.13 14.13 -0.18
CA GLU A 428 -25.16 14.04 -1.26
C GLU A 428 -26.32 13.18 -0.79
N VAL A 429 -26.04 12.12 -0.03
CA VAL A 429 -27.07 11.26 0.58
C VAL A 429 -27.89 12.11 1.55
N LEU A 430 -27.23 13.00 2.30
CA LEU A 430 -27.92 13.85 3.31
C LEU A 430 -28.76 14.90 2.57
N ASP A 431 -28.14 15.60 1.63
CA ASP A 431 -28.74 16.67 0.80
C ASP A 431 -29.97 16.13 0.06
N THR A 432 -30.02 14.85 -0.34
CA THR A 432 -31.15 14.35 -1.16
C THR A 432 -32.18 13.61 -0.29
N GLU A 433 -31.77 12.78 0.65
CA GLU A 433 -32.71 11.90 1.41
C GLU A 433 -32.74 12.25 2.90
N GLY A 434 -31.94 13.22 3.35
CA GLY A 434 -32.00 13.74 4.73
C GLY A 434 -31.13 12.96 5.72
N SER A 435 -31.08 11.63 5.60
CA SER A 435 -30.35 10.72 6.54
C SER A 435 -29.92 9.44 5.81
N ILE A 436 -28.94 8.74 6.38
CA ILE A 436 -28.44 7.47 5.81
C ILE A 436 -29.54 6.41 5.87
N GLN A 437 -30.33 6.40 6.93
CA GLN A 437 -31.42 5.40 7.08
C GLN A 437 -32.49 5.65 6.01
N ASN A 438 -32.76 6.90 5.64
CA ASN A 438 -33.74 7.24 4.58
C ASN A 438 -33.24 6.69 3.25
N PHE A 439 -31.96 6.94 2.95
CA PHE A 439 -31.27 6.42 1.76
C PHE A 439 -31.43 4.91 1.71
N PHE A 440 -31.16 4.20 2.79
CA PHE A 440 -31.18 2.71 2.78
C PHE A 440 -32.62 2.21 2.72
N ARG A 441 -33.59 2.95 3.27
CA ARG A 441 -35.03 2.55 3.25
C ARG A 441 -35.57 2.70 1.81
N LYS A 442 -35.22 3.81 1.16
CA LYS A 442 -35.57 4.06 -0.24
C LYS A 442 -35.02 2.97 -1.16
N TYR A 443 -33.74 2.58 -1.02
CA TYR A 443 -33.05 1.73 -2.01
C TYR A 443 -32.92 0.27 -1.58
N ALA A 444 -33.07 -0.08 -0.30
CA ALA A 444 -33.04 -1.49 0.15
C ALA A 444 -34.04 -1.69 1.28
N PRO A 445 -35.35 -1.52 0.99
CA PRO A 445 -36.37 -1.60 2.03
C PRO A 445 -36.56 -3.08 2.42
N SER A 446 -36.90 -3.34 3.69
CA SER A 446 -37.30 -4.67 4.21
C SER A 446 -38.29 -4.51 5.37
N GLU A 447 -39.49 -5.08 5.25
CA GLU A 447 -40.56 -5.04 6.29
C GLU A 447 -39.97 -5.55 7.62
N ASN A 448 -39.59 -6.83 7.65
CA ASN A 448 -39.05 -7.55 8.84
C ASN A 448 -37.53 -7.37 8.89
N GLY A 449 -37.03 -6.14 9.10
CA GLY A 449 -35.58 -5.82 9.07
C GLY A 449 -35.26 -4.51 9.79
N PRO A 450 -34.03 -4.33 10.33
CA PRO A 450 -33.72 -3.21 11.21
C PRO A 450 -34.10 -1.84 10.61
N ASN A 451 -34.98 -1.11 11.31
CA ASN A 451 -35.55 0.20 10.91
C ASN A 451 -36.09 0.12 9.48
N GLY A 452 -36.62 -1.04 9.09
CA GLY A 452 -37.21 -1.27 7.76
C GLY A 452 -36.15 -1.33 6.66
N ILE A 453 -34.90 -1.65 7.02
CA ILE A 453 -33.77 -1.73 6.05
C ILE A 453 -33.37 -3.20 5.92
N SER A 454 -33.02 -3.61 4.70
CA SER A 454 -32.46 -4.96 4.43
C SER A 454 -31.42 -5.30 5.51
N ALA A 455 -31.60 -6.42 6.20
CA ALA A 455 -30.65 -6.96 7.22
C ALA A 455 -29.24 -7.09 6.62
N GLU A 456 -29.12 -7.49 5.36
CA GLU A 456 -27.81 -7.71 4.69
C GLU A 456 -27.12 -6.35 4.47
N VAL A 457 -27.88 -5.33 4.09
CA VAL A 457 -27.35 -3.95 3.84
C VAL A 457 -26.88 -3.34 5.17
N MET A 458 -27.67 -3.44 6.25
CA MET A 458 -27.30 -2.89 7.57
C MET A 458 -26.06 -3.63 8.10
N ASP A 459 -26.00 -4.95 7.96
CA ASP A 459 -24.80 -5.77 8.32
C ASP A 459 -23.55 -5.26 7.58
N THR A 460 -23.67 -4.93 6.29
CA THR A 460 -22.58 -4.40 5.44
C THR A 460 -22.18 -3.01 5.93
N TYR A 461 -23.15 -2.18 6.30
CA TYR A 461 -22.93 -0.80 6.79
C TYR A 461 -22.14 -0.83 8.11
N VAL A 462 -22.63 -1.59 9.08
CA VAL A 462 -21.99 -1.74 10.42
C VAL A 462 -20.54 -2.22 10.24
N LYS A 463 -20.33 -3.29 9.47
CA LYS A 463 -19.00 -3.89 9.24
C LYS A 463 -18.05 -2.87 8.60
N SER A 464 -18.48 -2.16 7.56
CA SER A 464 -17.60 -1.23 6.82
C SER A 464 -17.33 0.01 7.67
N CYS A 465 -18.32 0.51 8.44
CA CYS A 465 -18.09 1.61 9.43
C CYS A 465 -16.96 1.23 10.41
N ALA A 466 -17.05 0.04 10.99
CA ALA A 466 -16.06 -0.51 11.94
C ALA A 466 -14.67 -0.62 11.30
N GLY A 467 -14.57 -1.28 10.15
CA GLY A 467 -13.30 -1.43 9.42
C GLY A 467 -12.62 -0.10 9.18
N TYR A 468 -13.33 0.88 8.63
CA TYR A 468 -12.76 2.21 8.27
C TYR A 468 -12.46 3.04 9.54
N CYS A 469 -13.28 2.97 10.59
CA CYS A 469 -12.97 3.64 11.87
C CYS A 469 -11.64 3.12 12.41
N VAL A 470 -11.37 1.81 12.37
CA VAL A 470 -10.08 1.26 12.88
C VAL A 470 -8.94 1.60 11.90
N ILE A 471 -9.13 1.39 10.60
CA ILE A 471 -8.04 1.62 9.61
C ILE A 471 -7.68 3.11 9.55
N THR A 472 -8.64 4.04 9.50
CA THR A 472 -8.36 5.51 9.40
C THR A 472 -7.73 6.01 10.70
N TYR A 473 -8.10 5.41 11.84
CA TYR A 473 -7.43 5.62 13.14
C TYR A 473 -5.97 5.15 13.07
N ILE A 474 -5.68 3.93 12.62
CA ILE A 474 -4.28 3.43 12.57
C ILE A 474 -3.42 4.30 11.65
N LEU A 475 -3.96 4.72 10.50
CA LEU A 475 -3.21 5.39 9.42
C LEU A 475 -3.25 6.91 9.63
N GLY A 476 -3.98 7.36 10.65
CA GLY A 476 -4.05 8.76 11.10
C GLY A 476 -4.58 9.63 9.98
N VAL A 477 -5.60 9.15 9.28
CA VAL A 477 -6.17 9.89 8.12
C VAL A 477 -6.89 11.13 8.63
N GLY A 478 -6.53 12.30 8.10
CA GLY A 478 -7.12 13.60 8.47
C GLY A 478 -8.03 14.16 7.39
N ASP A 479 -8.54 15.36 7.61
CA ASP A 479 -9.41 16.13 6.67
C ASP A 479 -10.60 15.26 6.29
N ARG A 480 -11.22 14.63 7.29
CA ARG A 480 -12.43 13.80 7.09
C ARG A 480 -13.64 14.73 7.10
N HIS A 481 -14.55 14.55 6.16
CA HIS A 481 -15.81 15.33 6.04
C HIS A 481 -16.72 14.54 5.11
N LEU A 482 -17.95 15.00 4.89
CA LEU A 482 -18.99 14.13 4.31
C LEU A 482 -18.88 14.10 2.79
N ASP A 483 -17.91 14.82 2.21
CA ASP A 483 -17.55 14.73 0.78
C ASP A 483 -16.40 13.75 0.52
N ASN A 484 -15.69 13.24 1.54
CA ASN A 484 -14.67 12.20 1.26
C ASN A 484 -15.06 10.94 2.03
N LEU A 485 -16.35 10.83 2.33
CA LEU A 485 -17.01 9.63 2.87
C LEU A 485 -18.07 9.25 1.86
N LEU A 486 -18.02 8.01 1.37
CA LEU A 486 -18.86 7.52 0.26
C LEU A 486 -19.68 6.33 0.77
N LEU A 487 -20.87 6.18 0.19
CA LEU A 487 -21.85 5.12 0.51
C LEU A 487 -22.27 4.44 -0.80
N THR A 488 -22.62 3.16 -0.73
CA THR A 488 -23.32 2.44 -1.82
C THR A 488 -24.68 1.99 -1.30
N LYS A 489 -25.56 1.61 -2.23
CA LYS A 489 -26.91 1.11 -1.95
C LYS A 489 -26.84 -0.31 -1.39
N THR A 490 -25.70 -0.99 -1.49
CA THR A 490 -25.49 -2.32 -0.84
C THR A 490 -25.08 -2.17 0.64
N GLY A 491 -24.88 -0.94 1.09
CA GLY A 491 -24.56 -0.62 2.51
C GLY A 491 -23.10 -0.28 2.75
N LYS A 492 -22.24 -0.33 1.72
CA LYS A 492 -20.78 -0.15 1.93
C LYS A 492 -20.48 1.32 2.22
N LEU A 493 -19.82 1.60 3.33
CA LEU A 493 -19.26 2.94 3.58
C LEU A 493 -17.74 2.85 3.37
N PHE A 494 -17.13 3.86 2.74
CA PHE A 494 -15.65 3.88 2.53
C PHE A 494 -15.17 5.33 2.40
N HIS A 495 -13.87 5.52 2.59
CA HIS A 495 -13.17 6.82 2.54
C HIS A 495 -12.46 6.94 1.20
N ILE A 496 -12.35 8.17 0.70
CA ILE A 496 -11.50 8.56 -0.46
C ILE A 496 -10.57 9.71 -0.07
N ASP A 497 -9.65 10.06 -0.98
CA ASP A 497 -8.86 11.33 -0.95
C ASP A 497 -8.00 11.39 0.30
N PHE A 498 -6.83 10.76 0.26
CA PHE A 498 -5.93 10.57 1.43
C PHE A 498 -4.80 11.62 1.39
N GLY A 499 -5.19 12.89 1.30
CA GLY A 499 -4.26 14.04 1.25
C GLY A 499 -3.59 14.29 2.59
N TYR A 500 -4.20 13.84 3.69
CA TYR A 500 -3.66 14.03 5.06
C TYR A 500 -3.60 12.69 5.79
N ILE A 501 -2.40 12.20 6.08
CA ILE A 501 -2.21 10.88 6.73
C ILE A 501 -1.22 11.05 7.88
N LEU A 502 -1.18 10.06 8.77
CA LEU A 502 -0.15 9.91 9.81
C LEU A 502 -0.27 11.08 10.79
N GLY A 503 -1.48 11.51 11.09
CA GLY A 503 -1.78 12.52 12.13
C GLY A 503 -1.90 13.94 11.59
N ARG A 504 -1.42 14.23 10.37
CA ARG A 504 -1.64 15.56 9.73
C ARG A 504 -3.15 15.81 9.54
N ASP A 505 -3.54 17.07 9.61
CA ASP A 505 -4.94 17.55 9.48
C ASP A 505 -4.86 19.06 9.24
N PRO A 506 -5.86 19.68 8.58
CA PRO A 506 -5.93 21.13 8.54
C PRO A 506 -6.01 21.80 9.93
N LYS A 507 -6.62 21.14 10.92
CA LYS A 507 -6.80 21.66 12.30
C LYS A 507 -5.70 21.05 13.20
N PRO A 508 -5.18 21.75 14.21
CA PRO A 508 -4.00 21.27 14.94
C PRO A 508 -4.23 20.07 15.87
N LEU A 509 -5.45 19.91 16.39
CA LEU A 509 -5.74 18.85 17.37
C LEU A 509 -7.00 18.07 16.97
N PRO A 510 -6.95 17.26 15.88
CA PRO A 510 -8.12 16.54 15.41
C PRO A 510 -8.44 15.36 16.32
N PRO A 511 -9.71 14.94 16.38
CA PRO A 511 -10.07 13.75 17.17
C PRO A 511 -9.32 12.55 16.60
N PRO A 512 -8.82 11.63 17.46
CA PRO A 512 -8.01 10.51 16.99
C PRO A 512 -8.88 9.50 16.23
N MET A 513 -10.14 9.37 16.66
CA MET A 513 -11.15 8.48 16.03
C MET A 513 -12.08 9.34 15.15
N LYS A 514 -12.15 9.00 13.87
CA LYS A 514 -12.80 9.77 12.77
C LYS A 514 -14.21 9.19 12.58
N LEU A 515 -15.10 9.58 13.48
CA LEU A 515 -16.54 9.18 13.54
C LEU A 515 -17.40 10.43 13.40
N ASN A 516 -18.65 10.31 12.97
CA ASN A 516 -19.58 11.47 12.93
C ASN A 516 -21.00 11.01 13.28
N LYS A 517 -21.82 11.98 13.65
CA LYS A 517 -23.19 11.76 14.19
C LYS A 517 -23.99 10.96 13.16
N GLU A 518 -23.84 11.33 11.89
CA GLU A 518 -24.61 10.76 10.75
C GLU A 518 -24.32 9.27 10.60
N MET A 519 -23.06 8.83 10.82
CA MET A 519 -22.68 7.40 10.74
C MET A 519 -23.42 6.61 11.83
N VAL A 520 -23.40 7.14 13.05
CA VAL A 520 -24.05 6.48 14.22
C VAL A 520 -25.56 6.46 14.00
N GLU A 521 -26.16 7.52 13.48
CA GLU A 521 -27.62 7.55 13.23
C GLU A 521 -27.93 6.55 12.11
N GLY A 522 -27.03 6.43 11.13
CA GLY A 522 -27.10 5.37 10.11
C GLY A 522 -27.33 3.99 10.71
N MET A 523 -26.71 3.69 11.85
CA MET A 523 -26.81 2.35 12.50
C MET A 523 -28.07 2.26 13.37
N GLY A 524 -28.77 3.37 13.58
CA GLY A 524 -29.94 3.43 14.47
C GLY A 524 -29.60 3.93 15.87
N GLY A 525 -28.57 4.79 16.02
CA GLY A 525 -28.17 5.42 17.29
C GLY A 525 -27.48 4.48 18.27
N THR A 526 -27.13 4.99 19.46
CA THR A 526 -26.17 4.36 20.42
C THR A 526 -26.79 3.19 21.19
N GLN A 527 -28.12 3.05 21.19
CA GLN A 527 -28.83 2.02 21.99
C GLN A 527 -29.19 0.79 21.11
N SER A 528 -28.82 0.76 19.82
CA SER A 528 -29.23 -0.30 18.84
C SER A 528 -28.32 -1.53 18.96
N GLU A 529 -28.81 -2.70 18.55
CA GLU A 529 -27.98 -3.92 18.43
C GLU A 529 -26.84 -3.61 17.46
N GLN A 530 -27.09 -2.77 16.45
CA GLN A 530 -26.12 -2.47 15.35
C GLN A 530 -24.93 -1.71 15.93
N TYR A 531 -25.16 -0.74 16.81
CA TYR A 531 -24.08 0.01 17.49
C TYR A 531 -23.22 -0.96 18.33
N GLN A 532 -23.85 -1.89 19.04
CA GLN A 532 -23.12 -2.90 19.84
C GLN A 532 -22.23 -3.72 18.89
N GLU A 533 -22.76 -4.09 17.73
CA GLU A 533 -22.06 -4.97 16.77
C GLU A 533 -20.91 -4.16 16.15
N PHE A 534 -21.12 -2.86 15.91
CA PHE A 534 -20.06 -1.92 15.45
C PHE A 534 -18.88 -1.89 16.44
N ARG A 535 -19.15 -1.69 17.74
CA ARG A 535 -18.09 -1.64 18.78
C ARG A 535 -17.29 -2.95 18.78
N LYS A 536 -18.00 -4.07 18.78
CA LYS A 536 -17.40 -5.43 18.79
C LYS A 536 -16.50 -5.61 17.55
N GLN A 537 -16.97 -5.20 16.37
CA GLN A 537 -16.20 -5.36 15.11
C GLN A 537 -14.99 -4.44 15.16
N CYS A 538 -15.07 -3.28 15.79
CA CYS A 538 -13.94 -2.32 15.88
C CYS A 538 -12.82 -2.98 16.69
N TYR A 539 -13.12 -3.49 17.88
CA TYR A 539 -12.08 -4.03 18.78
C TYR A 539 -11.54 -5.34 18.21
N THR A 540 -12.38 -6.14 17.54
CA THR A 540 -11.96 -7.38 16.87
C THR A 540 -10.97 -7.03 15.75
N ALA A 541 -11.29 -6.05 14.91
CA ALA A 541 -10.46 -5.63 13.77
C ALA A 541 -9.12 -5.13 14.32
N PHE A 542 -9.17 -4.32 15.37
CA PHE A 542 -7.96 -3.76 16.02
C PHE A 542 -7.06 -4.90 16.49
N LEU A 543 -7.59 -5.88 17.22
CA LEU A 543 -6.80 -7.03 17.72
C LEU A 543 -6.17 -7.79 16.54
N HIS A 544 -6.92 -8.04 15.46
CA HIS A 544 -6.37 -8.74 14.27
C HIS A 544 -5.21 -7.94 13.65
N LEU A 545 -5.33 -6.62 13.50
CA LEU A 545 -4.30 -5.80 12.82
C LEU A 545 -3.05 -5.64 13.71
N ARG A 546 -3.22 -5.49 15.01
CA ARG A 546 -2.09 -5.53 15.97
C ARG A 546 -1.25 -6.79 15.72
N ARG A 547 -1.85 -7.94 15.44
CA ARG A 547 -1.09 -9.20 15.25
C ARG A 547 -0.19 -9.10 14.02
N TYR A 548 -0.47 -8.19 13.07
CA TYR A 548 0.34 -7.98 11.84
C TYR A 548 1.14 -6.68 11.95
N SER A 549 1.30 -6.13 13.15
CA SER A 549 1.99 -4.84 13.35
C SER A 549 3.44 -4.92 12.80
N ASN A 550 4.13 -6.05 12.94
CA ASN A 550 5.51 -6.27 12.43
C ASN A 550 5.51 -6.05 10.91
N LEU A 551 4.54 -6.62 10.20
CA LEU A 551 4.48 -6.52 8.73
C LEU A 551 4.18 -5.07 8.33
N ILE A 552 3.17 -4.47 8.95
CA ILE A 552 2.67 -3.13 8.55
C ILE A 552 3.77 -2.10 8.86
N LEU A 553 4.46 -2.23 9.99
CA LEU A 553 5.52 -1.27 10.37
C LEU A 553 6.73 -1.45 9.42
N ASN A 554 7.08 -2.67 9.07
CA ASN A 554 8.17 -2.96 8.09
C ASN A 554 7.81 -2.34 6.73
N LEU A 555 6.54 -2.36 6.31
CA LEU A 555 6.14 -1.79 5.00
C LEU A 555 6.34 -0.27 5.01
N PHE A 556 5.92 0.41 6.07
CA PHE A 556 6.15 1.87 6.25
C PHE A 556 7.65 2.16 6.34
N SER A 557 8.41 1.26 6.94
CA SER A 557 9.89 1.39 7.11
C SER A 557 10.55 1.48 5.72
N LEU A 558 10.11 0.64 4.79
CA LEU A 558 10.58 0.60 3.39
C LEU A 558 10.10 1.82 2.60
N MET A 559 9.20 2.64 3.14
CA MET A 559 8.68 3.84 2.43
C MET A 559 9.32 5.14 2.94
N VAL A 560 10.22 5.12 3.92
CA VAL A 560 10.71 6.39 4.56
C VAL A 560 11.50 7.24 3.56
N ASP A 561 12.06 6.68 2.49
CA ASP A 561 12.81 7.46 1.48
C ASP A 561 11.96 7.70 0.22
N ALA A 562 10.67 7.37 0.23
CA ALA A 562 9.79 7.68 -0.92
C ALA A 562 9.35 9.14 -0.78
N ASN A 563 9.19 9.82 -1.90
CA ASN A 563 8.81 11.26 -1.89
C ASN A 563 7.28 11.38 -1.79
N ILE A 564 6.70 10.68 -0.81
CA ILE A 564 5.28 10.78 -0.39
C ILE A 564 5.19 11.95 0.58
N PRO A 565 4.43 13.03 0.28
CA PRO A 565 4.50 14.26 1.07
C PRO A 565 4.46 14.04 2.59
N ASP A 566 3.48 13.29 3.10
CA ASP A 566 3.26 13.27 4.57
C ASP A 566 4.31 12.40 5.24
N ILE A 567 5.05 11.60 4.48
CA ILE A 567 6.24 10.85 5.01
C ILE A 567 7.47 11.76 4.91
N ALA A 568 7.61 12.49 3.80
CA ALA A 568 8.77 13.35 3.46
C ALA A 568 8.91 14.42 4.55
N LEU A 569 7.78 14.95 5.04
CA LEU A 569 7.70 15.91 6.16
C LEU A 569 8.59 15.48 7.32
N GLU A 570 8.52 14.21 7.75
CA GLU A 570 9.16 13.71 9.01
C GLU A 570 9.55 12.25 8.86
N PRO A 571 10.50 11.91 7.97
CA PRO A 571 10.75 10.52 7.60
C PRO A 571 11.15 9.68 8.81
N ASP A 572 11.91 10.28 9.73
CA ASP A 572 12.51 9.56 10.88
C ASP A 572 11.45 9.32 11.97
N LYS A 573 10.30 9.99 11.88
CA LYS A 573 9.19 9.91 12.85
C LYS A 573 8.02 9.08 12.27
N THR A 574 8.06 8.70 10.98
CA THR A 574 6.91 8.10 10.25
C THR A 574 6.47 6.75 10.84
N VAL A 575 7.38 5.79 10.99
CA VAL A 575 7.00 4.44 11.47
C VAL A 575 6.45 4.55 12.89
N LYS A 576 7.04 5.40 13.73
CA LYS A 576 6.65 5.53 15.16
C LYS A 576 5.20 6.00 15.27
N LYS A 577 4.78 6.94 14.42
CA LYS A 577 3.38 7.44 14.36
C LYS A 577 2.40 6.31 14.07
N VAL A 578 2.80 5.29 13.29
CA VAL A 578 1.91 4.14 13.02
C VAL A 578 1.97 3.21 14.22
N GLN A 579 3.18 2.94 14.71
CA GLN A 579 3.45 2.02 15.84
C GLN A 579 2.63 2.44 17.06
N ASP A 580 2.59 3.73 17.41
CA ASP A 580 1.90 4.24 18.61
C ASP A 580 0.40 3.91 18.53
N LYS A 581 -0.20 3.98 17.34
CA LYS A 581 -1.66 3.73 17.14
C LYS A 581 -1.99 2.26 17.49
N PHE A 582 -1.05 1.34 17.30
CA PHE A 582 -1.27 -0.09 17.66
C PHE A 582 -1.28 -0.27 19.19
N ARG A 583 -0.80 0.70 19.96
CA ARG A 583 -0.77 0.62 21.43
C ARG A 583 -0.19 -0.73 21.84
N LEU A 584 1.00 -1.04 21.34
CA LEU A 584 1.66 -2.35 21.60
C LEU A 584 2.17 -2.42 23.05
N ASP A 585 2.14 -1.32 23.79
CA ASP A 585 2.36 -1.31 25.27
C ASP A 585 1.18 -1.98 25.99
N LEU A 586 -0.01 -2.08 25.36
CA LEU A 586 -1.21 -2.70 25.99
C LEU A 586 -1.29 -4.18 25.62
N SER A 587 -1.71 -5.02 26.58
CA SER A 587 -2.16 -6.42 26.33
C SER A 587 -3.39 -6.40 25.42
N ASP A 588 -3.77 -7.54 24.86
CA ASP A 588 -4.96 -7.67 24.00
C ASP A 588 -6.19 -7.20 24.79
N GLU A 589 -6.31 -7.64 26.05
CA GLU A 589 -7.49 -7.32 26.90
C GLU A 589 -7.53 -5.82 27.10
N GLU A 590 -6.38 -5.19 27.34
CA GLU A 590 -6.36 -3.74 27.57
C GLU A 590 -6.64 -3.01 26.26
N ALA A 591 -6.20 -3.53 25.11
CA ALA A 591 -6.40 -2.89 23.79
C ALA A 591 -7.91 -2.81 23.50
N VAL A 592 -8.62 -3.89 23.83
CA VAL A 592 -10.09 -3.98 23.69
C VAL A 592 -10.71 -2.82 24.45
N HIS A 593 -10.36 -2.65 25.71
CA HIS A 593 -10.94 -1.59 26.58
C HIS A 593 -10.55 -0.22 26.04
N TYR A 594 -9.32 -0.07 25.54
CA TYR A 594 -8.81 1.22 25.02
C TYR A 594 -9.64 1.64 23.79
N MET A 595 -9.85 0.71 22.85
CA MET A 595 -10.58 0.96 21.59
C MET A 595 -12.05 1.29 21.91
N GLN A 596 -12.63 0.64 22.91
CA GLN A 596 -14.00 0.96 23.40
C GLN A 596 -14.06 2.36 24.03
N SER A 597 -13.08 2.78 24.83
CA SER A 597 -12.97 4.17 25.34
C SER A 597 -12.96 5.16 24.18
N LEU A 598 -12.11 4.94 23.18
CA LEU A 598 -11.95 5.88 22.03
C LEU A 598 -13.32 6.08 21.41
N ILE A 599 -14.03 4.99 21.15
CA ILE A 599 -15.33 5.00 20.44
C ILE A 599 -16.38 5.68 21.35
N ASP A 600 -16.44 5.27 22.62
CA ASP A 600 -17.42 5.82 23.60
C ASP A 600 -17.19 7.34 23.74
N GLU A 601 -15.96 7.80 23.94
CA GLU A 601 -15.63 9.24 24.13
C GLU A 601 -15.94 10.02 22.86
N SER A 602 -15.57 9.48 21.69
CA SER A 602 -15.84 10.13 20.39
C SER A 602 -17.35 10.27 20.23
N VAL A 603 -18.12 9.21 20.51
CA VAL A 603 -19.58 9.15 20.24
C VAL A 603 -20.33 10.00 21.28
N HIS A 604 -19.95 9.96 22.55
CA HIS A 604 -20.51 10.81 23.63
C HIS A 604 -20.42 12.29 23.21
N ALA A 605 -19.25 12.73 22.74
CA ALA A 605 -19.00 14.14 22.33
C ALA A 605 -19.88 14.51 21.13
N LEU A 606 -20.15 13.56 20.23
CA LEU A 606 -20.91 13.83 18.98
C LEU A 606 -22.35 14.22 19.34
N PHE A 607 -22.90 13.71 20.45
CA PHE A 607 -24.32 13.91 20.83
C PHE A 607 -24.40 15.05 21.86
C1 H2E B . -15.89 13.60 -6.96
C2 H2E B . -15.10 12.60 -6.40
C3 H2E B . -17.51 11.33 -5.93
C4 H2E B . -18.11 12.44 -6.53
C5 H2E B . -17.35 13.73 -6.61
C10 H2E B . -22.05 12.01 -8.01
C11 H2E B . -23.14 11.42 -8.90
C12 H2E B . -21.55 11.09 -10.71
C13 H2E B . -21.05 10.11 -11.75
C14 H2E B . -23.12 9.05 -11.80
C24 H2E B . -11.48 9.21 -5.40
C25 H2E B . -12.78 9.12 -5.87
C6 H2E B . -19.42 12.33 -7.01
C16 H2E B . -22.61 12.97 -6.93
C15 H2E B . -23.68 10.01 -10.78
S1 H2E B . -15.86 11.43 -5.32
C7 H2E B . -20.08 11.11 -6.92
C8 H2E B . -19.47 10.01 -6.32
C9 H2E B . -18.19 10.13 -5.83
O1 H2E B . -21.35 10.90 -7.37
N1 H2E B . -22.60 10.48 -9.89
O2 H2E B . -22.10 9.66 -12.59
C17 H2E B . -13.71 12.55 -6.70
C18 H2E B . -13.18 13.47 -7.60
C19 H2E B . -13.99 14.46 -8.14
C20 H2E B . -15.32 14.53 -7.82
C21 H2E B . -12.84 11.45 -6.20
C22 H2E B . -11.55 11.57 -5.71
C23 H2E B . -10.84 10.45 -5.28
O3 H2E B . -13.41 10.22 -6.32
N2 H2E B . -13.41 7.93 -6.07
C26 H2E B . -12.76 6.63 -5.85
C27 H2E B . -13.79 5.59 -5.44
O4 H2E B . -14.86 5.53 -6.36
C28 H2E B . -15.53 6.76 -6.40
C29 H2E B . -14.63 7.87 -6.88
O5 H2E B . -9.69 10.55 -4.80
#